data_9FVH
#
_entry.id   9FVH
#
_cell.length_a   82.100
_cell.length_b   112.402
_cell.length_c   62.433
_cell.angle_alpha   90.00
_cell.angle_beta   90.00
_cell.angle_gamma   90.00
#
_symmetry.space_group_name_H-M   'C 2 2 21'
#
loop_
_entity.id
_entity.type
_entity.pdbx_description
1 polymer '14-3-3 protein sigma'
2 polymer 'Microtubule-associated protein tau'
3 non-polymer 2-bromanyl-4-[2-(2-methylphenyl)imidazol-1-yl]benzaldehyde
4 water water
#
loop_
_entity_poly.entity_id
_entity_poly.type
_entity_poly.pdbx_seq_one_letter_code
_entity_poly.pdbx_strand_id
1 'polypeptide(L)'
;GAMGSMERASLIQKAKLAEQAERYEDMAAFMKGAVEKGEELSCEERNLLSVAYKNVVGGQRAAWRVLSSIEQKSNEEGSE
EKGPEVREYREKVETELQGVCDTVLGLLDSHLIKEAGDAESRVFYLKMKGDYYRYLAEVATGDDKKRIIDSARSAYQEAM
DISKKEMPPTNPIRLGLALNFSVFHYEIANSPEEAISLAKTTFDEAMADLHTLSEDSYKDSTLIMQLLRDNLTLWT
;
A
2 'polypeptide(L)' SRTP(SEP)LPTPPTRE P
#
# COMPACT_ATOMS: atom_id res chain seq x y z
N GLY A 1 21.91 2.12 9.59
CA GLY A 1 22.11 0.68 9.61
C GLY A 1 23.18 0.26 8.61
N ALA A 2 22.96 -0.87 7.94
CA ALA A 2 23.95 -1.45 7.03
C ALA A 2 24.20 -0.59 5.80
N MET A 3 23.26 0.32 5.48
CA MET A 3 23.44 1.24 4.37
C MET A 3 23.98 2.60 4.77
N GLY A 4 24.37 2.77 6.05
CA GLY A 4 24.82 4.04 6.54
C GLY A 4 26.07 4.62 5.88
N SER A 5 26.90 3.71 5.34
N SER A 5 26.89 3.73 5.32
CA SER A 5 28.14 4.12 4.67
CA SER A 5 28.12 4.16 4.69
C SER A 5 27.96 4.52 3.21
C SER A 5 27.98 4.43 3.20
N MET A 6 26.81 4.20 2.63
CA MET A 6 26.61 4.40 1.20
C MET A 6 25.96 5.76 0.96
N GLU A 7 26.43 6.49 -0.05
CA GLU A 7 25.84 7.75 -0.47
C GLU A 7 24.38 7.61 -0.80
N ARG A 8 23.58 8.62 -0.41
CA ARG A 8 22.18 8.64 -0.78
C ARG A 8 21.99 8.40 -2.27
N ALA A 9 22.72 9.14 -3.11
CA ALA A 9 22.50 8.99 -4.55
C ALA A 9 22.83 7.59 -5.05
N SER A 10 23.84 6.96 -4.44
CA SER A 10 24.19 5.59 -4.79
C SER A 10 23.13 4.58 -4.39
N LEU A 11 22.49 4.80 -3.23
CA LEU A 11 21.39 3.96 -2.80
C LEU A 11 20.23 4.05 -3.79
N ILE A 12 19.90 5.27 -4.24
CA ILE A 12 18.84 5.44 -5.21
C ILE A 12 19.18 4.79 -6.53
N GLN A 13 20.42 4.98 -7.00
CA GLN A 13 20.87 4.34 -8.24
C GLN A 13 20.76 2.82 -8.13
N LYS A 14 21.22 2.25 -7.00
CA LYS A 14 21.14 0.81 -6.82
C LYS A 14 19.71 0.29 -6.67
N ALA A 15 18.82 1.09 -6.07
CA ALA A 15 17.42 0.71 -6.02
C ALA A 15 16.84 0.54 -7.43
N LYS A 16 17.22 1.46 -8.34
CA LYS A 16 16.76 1.35 -9.71
C LYS A 16 17.33 0.13 -10.41
N LEU A 17 18.61 -0.15 -10.18
CA LEU A 17 19.22 -1.38 -10.70
C LEU A 17 18.54 -2.64 -10.15
N ALA A 18 18.25 -2.65 -8.85
CA ALA A 18 17.61 -3.79 -8.21
C ALA A 18 16.23 -4.01 -8.80
N GLU A 19 15.50 -2.93 -9.10
CA GLU A 19 14.21 -3.08 -9.76
C GLU A 19 14.37 -3.76 -11.12
N GLN A 20 15.34 -3.33 -11.93
CA GLN A 20 15.55 -3.92 -13.24
C GLN A 20 15.93 -5.40 -13.14
N ALA A 21 16.63 -5.74 -12.07
CA ALA A 21 17.07 -7.11 -11.83
C ALA A 21 16.02 -7.94 -11.09
N GLU A 22 14.88 -7.33 -10.76
CA GLU A 22 13.81 -7.99 -10.00
C GLU A 22 14.30 -8.52 -8.65
N ARG A 23 15.18 -7.74 -8.03
CA ARG A 23 15.74 -8.02 -6.72
C ARG A 23 15.05 -7.10 -5.73
N TYR A 24 13.79 -7.42 -5.40
CA TYR A 24 13.00 -6.48 -4.61
C TYR A 24 13.38 -6.36 -3.13
N GLU A 25 13.91 -7.42 -2.54
CA GLU A 25 14.43 -7.32 -1.17
C GLU A 25 15.61 -6.35 -1.12
N ASP A 26 16.51 -6.47 -2.09
CA ASP A 26 17.61 -5.51 -2.20
C ASP A 26 17.09 -4.10 -2.43
N MET A 27 16.12 -3.97 -3.32
CA MET A 27 15.54 -2.66 -3.63
C MET A 27 15.01 -2.01 -2.34
N ALA A 28 14.27 -2.79 -1.55
CA ALA A 28 13.72 -2.27 -0.31
C ALA A 28 14.80 -1.86 0.68
N ALA A 29 15.85 -2.67 0.78
CA ALA A 29 16.94 -2.33 1.67
C ALA A 29 17.65 -1.04 1.24
N PHE A 30 17.83 -0.87 -0.07
CA PHE A 30 18.43 0.36 -0.56
C PHE A 30 17.55 1.57 -0.27
N MET A 31 16.24 1.43 -0.49
CA MET A 31 15.34 2.55 -0.23
C MET A 31 15.19 2.85 1.26
N LYS A 32 15.21 1.84 2.13
CA LYS A 32 15.22 2.06 3.57
C LYS A 32 16.46 2.88 3.92
N GLY A 33 17.61 2.48 3.37
CA GLY A 33 18.82 3.26 3.56
C GLY A 33 18.68 4.72 3.13
N ALA A 34 18.08 4.92 1.97
CA ALA A 34 17.90 6.27 1.48
C ALA A 34 17.00 7.09 2.40
N VAL A 35 15.89 6.50 2.86
CA VAL A 35 15.00 7.23 3.77
C VAL A 35 15.78 7.60 5.03
N GLU A 36 16.58 6.67 5.54
CA GLU A 36 17.28 6.91 6.78
C GLU A 36 18.37 7.97 6.69
N LYS A 37 18.68 8.44 5.47
CA LYS A 37 19.55 9.60 5.34
C LYS A 37 18.93 10.87 5.91
N GLY A 38 17.59 10.89 6.07
CA GLY A 38 16.94 11.97 6.78
C GLY A 38 16.32 13.06 5.91
N GLU A 39 16.64 13.04 4.62
CA GLU A 39 16.11 14.04 3.70
C GLU A 39 14.75 13.58 3.19
N GLU A 40 13.92 14.54 2.81
CA GLU A 40 12.65 14.23 2.17
C GLU A 40 12.89 13.49 0.83
N LEU A 41 11.88 12.75 0.40
CA LEU A 41 11.92 12.02 -0.84
C LEU A 41 11.22 12.80 -1.95
N SER A 42 11.79 12.75 -3.13
CA SER A 42 11.11 13.25 -4.32
C SER A 42 9.97 12.32 -4.74
N CYS A 43 9.17 12.76 -5.72
CA CYS A 43 8.12 11.92 -6.25
C CYS A 43 8.65 10.58 -6.77
N GLU A 44 9.73 10.65 -7.55
CA GLU A 44 10.29 9.43 -8.10
C GLU A 44 10.76 8.50 -6.99
N GLU A 45 11.41 9.09 -5.98
CA GLU A 45 11.93 8.29 -4.88
C GLU A 45 10.82 7.66 -4.04
N ARG A 46 9.73 8.40 -3.83
CA ARG A 46 8.56 7.84 -3.14
C ARG A 46 8.04 6.61 -3.89
N ASN A 47 7.98 6.70 -5.21
CA ASN A 47 7.51 5.58 -5.99
C ASN A 47 8.48 4.40 -5.91
N LEU A 48 9.79 4.65 -5.85
CA LEU A 48 10.72 3.54 -5.67
C LEU A 48 10.51 2.83 -4.34
N LEU A 49 10.34 3.63 -3.29
CA LEU A 49 10.07 3.06 -1.97
C LEU A 49 8.83 2.15 -2.01
N SER A 50 7.78 2.67 -2.63
CA SER A 50 6.52 1.97 -2.68
C SER A 50 6.64 0.67 -3.47
N VAL A 51 7.24 0.74 -4.65
CA VAL A 51 7.38 -0.46 -5.47
C VAL A 51 8.17 -1.55 -4.74
N ALA A 52 9.22 -1.14 -4.05
CA ALA A 52 10.10 -2.11 -3.43
C ALA A 52 9.31 -2.90 -2.39
N TYR A 53 8.70 -2.16 -1.46
CA TYR A 53 8.03 -2.82 -0.36
C TYR A 53 6.75 -3.53 -0.79
N LYS A 54 6.05 -3.00 -1.80
CA LYS A 54 4.88 -3.71 -2.31
C LYS A 54 5.26 -5.10 -2.83
N ASN A 55 6.36 -5.19 -3.55
CA ASN A 55 6.81 -6.46 -4.07
C ASN A 55 7.20 -7.40 -2.92
N VAL A 56 7.95 -6.88 -1.95
CA VAL A 56 8.35 -7.74 -0.84
C VAL A 56 7.15 -8.27 -0.07
N VAL A 57 6.26 -7.37 0.37
CA VAL A 57 5.14 -7.79 1.18
C VAL A 57 4.17 -8.59 0.31
N GLY A 58 4.12 -8.30 -0.99
CA GLY A 58 3.22 -9.02 -1.87
C GLY A 58 3.54 -10.51 -1.90
N GLY A 59 4.84 -10.81 -1.97
CA GLY A 59 5.31 -12.18 -1.95
C GLY A 59 4.98 -12.87 -0.64
N GLN A 60 5.15 -12.13 0.47
CA GLN A 60 4.86 -12.68 1.77
C GLN A 60 3.36 -12.95 1.95
N ARG A 61 2.52 -12.02 1.50
CA ARG A 61 1.08 -12.18 1.60
C ARG A 61 0.62 -13.37 0.79
N ALA A 62 1.17 -13.52 -0.43
CA ALA A 62 0.77 -14.62 -1.26
C ALA A 62 1.14 -15.94 -0.59
N ALA A 63 2.32 -16.01 0.01
CA ALA A 63 2.76 -17.23 0.71
C ALA A 63 1.88 -17.50 1.92
N TRP A 64 1.58 -16.43 2.68
CA TRP A 64 0.74 -16.56 3.84
C TRP A 64 -0.64 -17.12 3.47
N ARG A 65 -1.21 -16.65 2.35
N ARG A 65 -1.22 -16.63 2.36
CA ARG A 65 -2.52 -17.12 1.94
CA ARG A 65 -2.53 -17.13 1.95
C ARG A 65 -2.52 -18.59 1.50
C ARG A 65 -2.47 -18.63 1.62
N VAL A 66 -1.43 -19.04 0.88
CA VAL A 66 -1.29 -20.45 0.51
C VAL A 66 -1.26 -21.29 1.79
N LEU A 67 -0.43 -20.87 2.74
CA LEU A 67 -0.25 -21.65 3.96
C LEU A 67 -1.47 -21.65 4.85
N SER A 68 -2.14 -20.49 4.93
N SER A 68 -2.13 -20.49 4.97
CA SER A 68 -3.37 -20.37 5.70
CA SER A 68 -3.38 -20.41 5.70
C SER A 68 -4.49 -21.26 5.14
C SER A 68 -4.42 -21.36 5.14
N SER A 69 -4.54 -21.40 3.81
CA SER A 69 -5.51 -22.27 3.18
C SER A 69 -5.23 -23.74 3.50
N ILE A 70 -3.96 -24.13 3.47
CA ILE A 70 -3.59 -25.49 3.82
C ILE A 70 -3.94 -25.76 5.29
N GLU A 71 -3.63 -24.77 6.14
CA GLU A 71 -3.90 -24.90 7.56
C GLU A 71 -5.40 -25.07 7.83
N GLN A 72 -6.23 -24.30 7.12
N GLN A 72 -6.21 -24.26 7.14
CA GLN A 72 -7.66 -24.37 7.37
CA GLN A 72 -7.65 -24.34 7.27
C GLN A 72 -8.25 -25.69 6.86
C GLN A 72 -8.08 -25.77 6.97
N LYS A 73 -7.68 -26.24 5.78
CA LYS A 73 -8.06 -27.57 5.33
C LYS A 73 -7.61 -28.70 6.26
N SER A 74 -6.46 -28.51 6.92
CA SER A 74 -6.04 -29.43 7.97
C SER A 74 -7.02 -29.50 9.15
N ASN A 75 -7.82 -28.44 9.35
CA ASN A 75 -8.77 -28.40 10.47
C ASN A 75 -10.24 -28.74 10.10
N LYS A 82 -2.56 -34.74 11.61
CA LYS A 82 -1.35 -33.99 11.23
C LYS A 82 -0.68 -33.34 12.45
N GLY A 83 0.56 -32.86 12.24
CA GLY A 83 1.40 -32.25 13.28
C GLY A 83 1.47 -30.73 13.21
N PRO A 84 2.40 -30.08 13.95
CA PRO A 84 2.43 -28.63 14.07
C PRO A 84 3.08 -27.86 12.92
N GLU A 85 3.58 -28.56 11.91
CA GLU A 85 4.44 -27.92 10.92
C GLU A 85 3.74 -26.86 10.08
N VAL A 86 2.51 -27.11 9.63
CA VAL A 86 1.83 -26.11 8.82
C VAL A 86 1.62 -24.82 9.60
N ARG A 87 1.09 -24.94 10.82
CA ARG A 87 0.90 -23.79 11.68
C ARG A 87 2.23 -23.10 11.94
N GLU A 88 3.28 -23.85 12.27
CA GLU A 88 4.58 -23.25 12.56
C GLU A 88 5.08 -22.45 11.38
N TYR A 89 4.96 -22.99 10.18
CA TYR A 89 5.52 -22.32 9.02
C TYR A 89 4.66 -21.12 8.63
N ARG A 90 3.32 -21.25 8.73
CA ARG A 90 2.46 -20.10 8.54
C ARG A 90 2.84 -18.98 9.52
N GLU A 91 3.06 -19.33 10.79
CA GLU A 91 3.48 -18.36 11.79
C GLU A 91 4.82 -17.71 11.44
N LYS A 92 5.76 -18.48 10.89
N LYS A 92 5.75 -18.49 10.88
CA LYS A 92 7.06 -17.95 10.50
CA LYS A 92 7.06 -17.97 10.49
C LYS A 92 6.89 -16.89 9.42
C LYS A 92 6.90 -16.91 9.41
N VAL A 93 6.13 -17.24 8.37
CA VAL A 93 5.86 -16.28 7.31
C VAL A 93 5.11 -15.06 7.84
N GLU A 94 4.12 -15.29 8.71
CA GLU A 94 3.36 -14.20 9.31
C GLU A 94 4.26 -13.23 10.07
N THR A 95 5.18 -13.77 10.88
CA THR A 95 6.05 -12.92 11.66
C THR A 95 6.98 -12.11 10.75
N GLU A 96 7.47 -12.73 9.68
CA GLU A 96 8.32 -12.02 8.74
C GLU A 96 7.53 -10.88 8.08
N LEU A 97 6.28 -11.17 7.68
CA LEU A 97 5.42 -10.16 7.08
C LEU A 97 5.18 -8.99 8.03
N GLN A 98 4.86 -9.33 9.28
CA GLN A 98 4.65 -8.30 10.30
C GLN A 98 5.89 -7.45 10.47
N GLY A 99 7.05 -8.08 10.41
CA GLY A 99 8.31 -7.34 10.53
C GLY A 99 8.49 -6.32 9.40
N VAL A 100 8.18 -6.72 8.17
CA VAL A 100 8.31 -5.81 7.05
C VAL A 100 7.31 -4.66 7.21
N CYS A 101 6.06 -4.98 7.57
CA CYS A 101 5.07 -3.92 7.75
C CYS A 101 5.53 -2.95 8.82
N ASP A 102 6.03 -3.48 9.95
CA ASP A 102 6.50 -2.63 11.04
C ASP A 102 7.66 -1.76 10.59
N THR A 103 8.50 -2.29 9.70
CA THR A 103 9.61 -1.50 9.19
C THR A 103 9.10 -0.34 8.36
N VAL A 104 8.16 -0.60 7.45
CA VAL A 104 7.61 0.45 6.61
C VAL A 104 6.92 1.49 7.48
N LEU A 105 6.07 1.03 8.41
CA LEU A 105 5.37 1.96 9.30
C LEU A 105 6.35 2.79 10.11
N GLY A 106 7.45 2.17 10.51
CA GLY A 106 8.50 2.87 11.20
C GLY A 106 9.15 3.99 10.40
N LEU A 107 9.38 3.74 9.10
CA LEU A 107 9.91 4.76 8.22
C LEU A 107 8.94 5.93 8.08
N LEU A 108 7.64 5.60 7.96
CA LEU A 108 6.64 6.63 7.83
C LEU A 108 6.56 7.48 9.09
N ASP A 109 6.69 6.84 10.24
CA ASP A 109 6.61 7.57 11.51
C ASP A 109 7.90 8.26 11.89
N SER A 110 9.03 7.88 11.28
CA SER A 110 10.33 8.38 11.67
C SER A 110 11.18 8.62 10.42
N HIS A 111 10.90 9.71 9.67
CA HIS A 111 10.02 10.82 10.03
C HIS A 111 9.32 11.31 8.76
N LEU A 112 9.00 10.38 7.84
CA LEU A 112 8.49 10.82 6.56
C LEU A 112 7.20 11.64 6.62
N ILE A 113 6.20 11.17 7.38
CA ILE A 113 4.92 11.86 7.43
C ILE A 113 5.06 13.24 8.05
N LYS A 114 5.76 13.32 9.18
CA LYS A 114 5.82 14.61 9.85
C LYS A 114 6.52 15.69 9.04
N GLU A 115 7.42 15.32 8.14
CA GLU A 115 8.06 16.33 7.30
C GLU A 115 7.35 16.60 5.98
N ALA A 116 6.29 15.84 5.69
CA ALA A 116 5.57 15.95 4.43
C ALA A 116 4.47 17.01 4.54
N GLY A 117 4.72 18.13 3.87
CA GLY A 117 3.84 19.29 3.91
C GLY A 117 3.01 19.50 2.66
N ASP A 118 3.49 19.02 1.52
CA ASP A 118 2.75 19.18 0.29
C ASP A 118 1.72 18.06 0.24
N ALA A 119 0.57 18.37 -0.36
CA ALA A 119 -0.50 17.39 -0.39
C ALA A 119 -0.06 16.09 -1.04
N GLU A 120 0.70 16.16 -2.14
CA GLU A 120 1.06 14.96 -2.89
C GLU A 120 1.87 14.03 -1.99
N SER A 121 2.86 14.58 -1.29
CA SER A 121 3.68 13.73 -0.45
C SER A 121 2.89 13.20 0.76
N ARG A 122 2.15 14.11 1.42
CA ARG A 122 1.47 13.69 2.63
C ARG A 122 0.41 12.63 2.35
N VAL A 123 -0.37 12.82 1.28
CA VAL A 123 -1.36 11.82 0.90
C VAL A 123 -0.68 10.49 0.53
N PHE A 124 0.43 10.56 -0.20
CA PHE A 124 1.11 9.34 -0.58
C PHE A 124 1.49 8.53 0.65
N TYR A 125 2.09 9.19 1.64
CA TYR A 125 2.57 8.50 2.83
C TYR A 125 1.43 8.00 3.69
N LEU A 126 0.36 8.81 3.83
CA LEU A 126 -0.78 8.34 4.60
C LEU A 126 -1.49 7.16 3.94
N LYS A 127 -1.55 7.16 2.62
CA LYS A 127 -2.05 6.01 1.90
C LYS A 127 -1.20 4.77 2.20
N MET A 128 0.12 4.92 2.15
CA MET A 128 1.02 3.85 2.51
C MET A 128 0.74 3.35 3.92
N LYS A 129 0.57 4.27 4.87
CA LYS A 129 0.29 3.90 6.24
C LYS A 129 -0.98 3.08 6.34
N GLY A 130 -2.04 3.50 5.64
CA GLY A 130 -3.25 2.71 5.59
C GLY A 130 -3.01 1.30 5.01
N ASP A 131 -2.30 1.24 3.90
CA ASP A 131 -2.04 -0.03 3.24
C ASP A 131 -1.31 -0.99 4.19
N TYR A 132 -0.25 -0.52 4.86
CA TYR A 132 0.53 -1.45 5.67
C TYR A 132 -0.19 -1.85 6.97
N TYR A 133 -1.01 -0.96 7.55
CA TYR A 133 -1.90 -1.40 8.61
C TYR A 133 -2.93 -2.40 8.08
N ARG A 134 -3.41 -2.20 6.84
CA ARG A 134 -4.34 -3.14 6.24
C ARG A 134 -3.69 -4.53 6.13
N TYR A 135 -2.42 -4.57 5.69
CA TYR A 135 -1.74 -5.86 5.62
C TYR A 135 -1.58 -6.51 7.00
N LEU A 136 -1.29 -5.71 8.02
CA LEU A 136 -1.28 -6.22 9.39
C LEU A 136 -2.67 -6.75 9.78
N ALA A 137 -3.72 -6.04 9.35
CA ALA A 137 -5.08 -6.46 9.69
C ALA A 137 -5.44 -7.81 9.06
N GLU A 138 -4.91 -8.07 7.86
CA GLU A 138 -5.21 -9.30 7.16
C GLU A 138 -4.82 -10.54 7.96
N VAL A 139 -3.79 -10.42 8.80
CA VAL A 139 -3.29 -11.54 9.56
C VAL A 139 -3.54 -11.44 11.07
N ALA A 140 -4.23 -10.39 11.51
CA ALA A 140 -4.40 -10.14 12.93
C ALA A 140 -5.52 -10.96 13.52
N THR A 141 -5.30 -11.44 14.75
CA THR A 141 -6.28 -12.19 15.54
C THR A 141 -6.33 -11.91 17.04
N GLY A 142 -5.47 -11.03 17.58
CA GLY A 142 -5.38 -10.83 19.02
C GLY A 142 -6.12 -9.60 19.55
N ASP A 143 -5.74 -9.17 20.76
CA ASP A 143 -6.43 -8.11 21.49
C ASP A 143 -6.41 -6.77 20.73
N ASP A 144 -5.37 -6.56 19.92
CA ASP A 144 -5.20 -5.31 19.22
C ASP A 144 -5.77 -5.28 17.80
N LYS A 145 -6.48 -6.34 17.38
CA LYS A 145 -6.93 -6.37 15.99
C LYS A 145 -7.86 -5.21 15.59
N LYS A 146 -8.79 -4.87 16.49
CA LYS A 146 -9.67 -3.75 16.22
C LYS A 146 -8.83 -2.47 16.13
N ARG A 147 -7.80 -2.35 16.96
CA ARG A 147 -6.98 -1.14 16.94
C ARG A 147 -6.19 -1.11 15.62
N ILE A 148 -5.72 -2.26 15.12
CA ILE A 148 -5.04 -2.27 13.84
C ILE A 148 -5.94 -1.79 12.71
N ILE A 149 -7.16 -2.35 12.66
CA ILE A 149 -8.13 -1.93 11.68
C ILE A 149 -8.42 -0.44 11.79
N ASP A 150 -8.56 0.07 13.01
CA ASP A 150 -8.83 1.49 13.16
C ASP A 150 -7.66 2.37 12.75
N SER A 151 -6.43 1.88 12.95
CA SER A 151 -5.25 2.60 12.51
C SER A 151 -5.23 2.71 10.99
N ALA A 152 -5.56 1.61 10.30
CA ALA A 152 -5.66 1.72 8.85
C ALA A 152 -6.72 2.74 8.43
N ARG A 153 -7.91 2.59 9.00
CA ARG A 153 -9.01 3.48 8.67
C ARG A 153 -8.63 4.96 8.88
N SER A 154 -8.00 5.26 10.03
CA SER A 154 -7.65 6.62 10.37
C SER A 154 -6.66 7.21 9.37
N ALA A 155 -5.67 6.41 8.97
CA ALA A 155 -4.68 6.90 8.03
C ALA A 155 -5.33 7.17 6.66
N TYR A 156 -6.13 6.20 6.20
CA TYR A 156 -6.84 6.38 4.94
C TYR A 156 -7.76 7.60 4.96
N GLN A 157 -8.46 7.79 6.08
CA GLN A 157 -9.41 8.90 6.19
C GLN A 157 -8.69 10.25 6.16
N GLU A 158 -7.55 10.36 6.86
CA GLU A 158 -6.79 11.62 6.78
C GLU A 158 -6.31 11.87 5.36
N ALA A 159 -5.83 10.82 4.70
CA ALA A 159 -5.41 10.94 3.31
C ALA A 159 -6.58 11.40 2.43
N MET A 160 -7.77 10.83 2.64
CA MET A 160 -8.93 11.17 1.83
C MET A 160 -9.28 12.63 2.05
N ASP A 161 -9.24 13.08 3.31
CA ASP A 161 -9.65 14.45 3.59
C ASP A 161 -8.71 15.44 2.91
N ILE A 162 -7.39 15.18 2.99
CA ILE A 162 -6.44 16.07 2.33
C ILE A 162 -6.63 16.02 0.81
N SER A 163 -6.75 14.80 0.25
CA SER A 163 -6.84 14.67 -1.20
C SER A 163 -8.07 15.39 -1.75
N LYS A 164 -9.20 15.33 -1.04
CA LYS A 164 -10.42 15.98 -1.49
C LYS A 164 -10.27 17.49 -1.52
N LYS A 165 -9.53 18.07 -0.56
N LYS A 165 -9.50 18.04 -0.56
CA LYS A 165 -9.34 19.50 -0.51
CA LYS A 165 -9.31 19.47 -0.42
C LYS A 165 -8.31 19.98 -1.52
C LYS A 165 -8.22 20.05 -1.31
N GLU A 166 -7.22 19.23 -1.66
CA GLU A 166 -6.01 19.74 -2.31
C GLU A 166 -5.65 19.19 -3.69
N MET A 167 -6.34 18.12 -4.12
CA MET A 167 -5.98 17.45 -5.37
C MET A 167 -7.19 17.35 -6.28
N PRO A 168 -7.00 17.41 -7.61
CA PRO A 168 -8.09 17.16 -8.56
C PRO A 168 -8.57 15.72 -8.45
N PRO A 169 -9.83 15.45 -8.83
CA PRO A 169 -10.40 14.11 -8.70
C PRO A 169 -9.76 13.08 -9.60
N THR A 170 -8.97 13.53 -10.58
CA THR A 170 -8.24 12.67 -11.49
C THR A 170 -6.81 12.36 -11.07
N ASN A 171 -6.33 12.99 -9.98
CA ASN A 171 -4.94 12.77 -9.56
C ASN A 171 -4.72 11.28 -9.29
N PRO A 172 -3.69 10.62 -9.86
CA PRO A 172 -3.50 9.20 -9.68
C PRO A 172 -3.35 8.77 -8.23
N ILE A 173 -2.70 9.59 -7.39
CA ILE A 173 -2.57 9.24 -5.99
C ILE A 173 -3.94 9.27 -5.33
N ARG A 174 -4.72 10.31 -5.59
CA ARG A 174 -6.09 10.35 -5.07
C ARG A 174 -6.92 9.14 -5.53
N LEU A 175 -6.81 8.78 -6.81
CA LEU A 175 -7.55 7.62 -7.31
C LEU A 175 -7.08 6.30 -6.69
N GLY A 176 -5.77 6.11 -6.58
CA GLY A 176 -5.23 4.91 -5.97
C GLY A 176 -5.60 4.78 -4.50
N LEU A 177 -5.56 5.90 -3.78
CA LEU A 177 -6.02 5.94 -2.41
C LEU A 177 -7.47 5.46 -2.29
N ALA A 178 -8.33 6.02 -3.13
CA ALA A 178 -9.74 5.65 -3.10
C ALA A 178 -9.94 4.18 -3.43
N LEU A 179 -9.18 3.68 -4.43
N LEU A 179 -9.19 3.68 -4.43
CA LEU A 179 -9.21 2.27 -4.78
CA LEU A 179 -9.25 2.25 -4.75
C LEU A 179 -8.85 1.39 -3.59
C LEU A 179 -8.88 1.42 -3.53
N ASN A 180 -7.74 1.73 -2.90
CA ASN A 180 -7.30 0.92 -1.77
C ASN A 180 -8.19 1.06 -0.54
N PHE A 181 -8.69 2.29 -0.28
CA PHE A 181 -9.60 2.47 0.83
C PHE A 181 -10.89 1.68 0.58
N SER A 182 -11.36 1.66 -0.68
CA SER A 182 -12.55 0.87 -1.00
C SER A 182 -12.28 -0.62 -0.76
N VAL A 183 -11.09 -1.10 -1.12
CA VAL A 183 -10.74 -2.49 -0.82
C VAL A 183 -10.69 -2.72 0.69
N PHE A 184 -10.15 -1.78 1.46
CA PHE A 184 -10.21 -1.86 2.92
C PHE A 184 -11.66 -2.07 3.39
N HIS A 185 -12.58 -1.23 2.90
CA HIS A 185 -13.96 -1.36 3.32
C HIS A 185 -14.53 -2.73 3.02
N TYR A 186 -14.25 -3.25 1.80
CA TYR A 186 -14.85 -4.49 1.35
C TYR A 186 -14.23 -5.70 2.06
N GLU A 187 -12.90 -5.71 2.17
CA GLU A 187 -12.16 -6.89 2.59
C GLU A 187 -11.85 -6.96 4.09
N ILE A 188 -11.71 -5.79 4.73
CA ILE A 188 -11.29 -5.72 6.12
C ILE A 188 -12.41 -5.28 7.07
N ALA A 189 -13.12 -4.21 6.68
CA ALA A 189 -14.10 -3.59 7.57
C ALA A 189 -15.51 -4.16 7.44
N ASN A 190 -15.70 -5.17 6.58
N ASN A 190 -15.72 -5.19 6.62
CA ASN A 190 -17.00 -5.80 6.38
CA ASN A 190 -17.05 -5.75 6.48
C ASN A 190 -18.09 -4.81 5.96
C ASN A 190 -18.07 -4.66 6.12
N SER A 191 -17.68 -3.83 5.14
CA SER A 191 -18.53 -2.72 4.72
C SER A 191 -18.63 -2.64 3.20
N PRO A 192 -19.21 -3.66 2.54
CA PRO A 192 -19.24 -3.70 1.08
C PRO A 192 -20.01 -2.53 0.49
N GLU A 193 -21.08 -2.08 1.15
CA GLU A 193 -21.81 -0.94 0.60
C GLU A 193 -20.95 0.32 0.58
N GLU A 194 -20.17 0.56 1.63
CA GLU A 194 -19.27 1.70 1.66
C GLU A 194 -18.22 1.59 0.57
N ALA A 195 -17.69 0.37 0.39
CA ALA A 195 -16.74 0.11 -0.67
C ALA A 195 -17.27 0.48 -2.04
N ILE A 196 -18.47 0.01 -2.33
CA ILE A 196 -19.10 0.24 -3.60
C ILE A 196 -19.39 1.73 -3.81
N SER A 197 -19.94 2.40 -2.79
N SER A 197 -19.92 2.40 -2.78
CA SER A 197 -20.24 3.82 -2.88
CA SER A 197 -20.23 3.81 -2.89
C SER A 197 -18.98 4.61 -3.16
C SER A 197 -18.99 4.64 -3.12
N LEU A 198 -17.89 4.30 -2.44
CA LEU A 198 -16.66 5.03 -2.62
C LEU A 198 -16.11 4.84 -4.03
N ALA A 199 -16.09 3.59 -4.51
CA ALA A 199 -15.57 3.36 -5.84
C ALA A 199 -16.41 4.08 -6.91
N LYS A 200 -17.74 4.04 -6.78
CA LYS A 200 -18.63 4.66 -7.73
C LYS A 200 -18.44 6.18 -7.76
N THR A 201 -18.47 6.82 -6.58
CA THR A 201 -18.33 8.27 -6.53
C THR A 201 -16.96 8.70 -7.04
N THR A 202 -15.94 7.92 -6.70
CA THR A 202 -14.59 8.25 -7.18
C THR A 202 -14.53 8.20 -8.71
N PHE A 203 -15.10 7.12 -9.27
CA PHE A 203 -15.09 6.93 -10.72
C PHE A 203 -15.80 8.10 -11.39
N ASP A 204 -16.99 8.41 -10.90
CA ASP A 204 -17.82 9.42 -11.51
C ASP A 204 -17.19 10.81 -11.44
N GLU A 205 -16.56 11.15 -10.33
CA GLU A 205 -15.96 12.46 -10.19
C GLU A 205 -14.72 12.57 -11.07
N ALA A 206 -13.98 11.47 -11.23
CA ALA A 206 -12.84 11.46 -12.12
C ALA A 206 -13.31 11.61 -13.57
N MET A 207 -14.34 10.86 -13.97
CA MET A 207 -14.84 10.93 -15.33
C MET A 207 -15.14 12.39 -15.71
N ALA A 208 -15.80 13.10 -14.80
CA ALA A 208 -16.18 14.47 -15.04
C ALA A 208 -15.03 15.46 -15.22
N ASP A 209 -13.83 15.08 -14.76
CA ASP A 209 -12.68 15.97 -14.82
C ASP A 209 -11.67 15.55 -15.90
N LEU A 210 -11.92 14.44 -16.62
CA LEU A 210 -10.99 14.01 -17.64
C LEU A 210 -10.79 15.03 -18.74
N HIS A 211 -11.79 15.88 -18.99
CA HIS A 211 -11.71 16.85 -20.07
C HIS A 211 -10.60 17.87 -19.90
N THR A 212 -10.09 18.00 -18.66
CA THR A 212 -9.07 18.98 -18.34
C THR A 212 -7.66 18.49 -18.62
N LEU A 213 -7.53 17.19 -18.92
CA LEU A 213 -6.24 16.54 -18.90
C LEU A 213 -5.57 16.49 -20.26
N SER A 214 -4.24 16.49 -20.22
CA SER A 214 -3.44 16.11 -21.37
C SER A 214 -3.61 14.62 -21.70
N GLU A 215 -3.19 14.22 -22.91
CA GLU A 215 -3.23 12.82 -23.29
C GLU A 215 -2.49 11.91 -22.30
N ASP A 216 -1.32 12.32 -21.86
CA ASP A 216 -0.57 11.48 -20.95
C ASP A 216 -1.22 11.36 -19.57
N SER A 217 -1.76 12.45 -19.04
CA SER A 217 -2.45 12.40 -17.76
C SER A 217 -3.76 11.60 -17.87
N TYR A 218 -4.45 11.75 -18.99
CA TYR A 218 -5.64 10.97 -19.28
C TYR A 218 -5.37 9.48 -19.22
N LYS A 219 -4.27 9.03 -19.84
CA LYS A 219 -3.92 7.62 -19.81
C LYS A 219 -3.78 7.12 -18.37
N ASP A 220 -3.06 7.88 -17.56
CA ASP A 220 -2.85 7.47 -16.17
C ASP A 220 -4.15 7.40 -15.37
N SER A 221 -4.96 8.45 -15.45
CA SER A 221 -6.20 8.49 -14.70
C SER A 221 -7.17 7.39 -15.14
N THR A 222 -7.29 7.19 -16.47
CA THR A 222 -8.25 6.22 -16.95
C THR A 222 -7.83 4.79 -16.63
N LEU A 223 -6.52 4.54 -16.53
CA LEU A 223 -6.08 3.22 -16.10
C LEU A 223 -6.63 2.91 -14.72
N ILE A 224 -6.51 3.86 -13.79
CA ILE A 224 -6.97 3.56 -12.43
C ILE A 224 -8.49 3.53 -12.37
N MET A 225 -9.14 4.40 -13.15
CA MET A 225 -10.58 4.32 -13.25
C MET A 225 -11.06 2.93 -13.70
N GLN A 226 -10.34 2.32 -14.64
CA GLN A 226 -10.71 0.98 -15.08
C GLN A 226 -10.56 -0.03 -13.95
N LEU A 227 -9.56 0.13 -13.11
CA LEU A 227 -9.41 -0.76 -11.97
C LEU A 227 -10.54 -0.58 -10.96
N LEU A 228 -10.99 0.66 -10.75
CA LEU A 228 -12.20 0.89 -9.95
C LEU A 228 -13.38 0.17 -10.56
N ARG A 229 -13.58 0.33 -11.87
CA ARG A 229 -14.71 -0.31 -12.54
C ARG A 229 -14.63 -1.83 -12.45
N ASP A 230 -13.42 -2.38 -12.55
CA ASP A 230 -13.26 -3.81 -12.43
C ASP A 230 -13.73 -4.31 -11.07
N ASN A 231 -13.37 -3.59 -10.01
CA ASN A 231 -13.82 -3.98 -8.68
C ASN A 231 -15.33 -3.86 -8.55
N LEU A 232 -15.90 -2.76 -9.06
CA LEU A 232 -17.35 -2.62 -9.04
C LEU A 232 -18.06 -3.76 -9.74
N THR A 233 -17.49 -4.24 -10.85
CA THR A 233 -18.03 -5.40 -11.56
C THR A 233 -17.95 -6.69 -10.73
N LEU A 234 -16.81 -6.87 -10.04
CA LEU A 234 -16.63 -8.04 -9.19
C LEU A 234 -17.63 -8.02 -8.03
N TRP A 235 -17.92 -6.82 -7.49
CA TRP A 235 -18.71 -6.66 -6.28
C TRP A 235 -20.22 -6.56 -6.48
N THR A 236 -20.64 -6.42 -7.74
CA THR A 236 -22.04 -6.26 -8.08
C THR A 236 -22.48 -7.26 -9.18
N THR B 3 -10.27 -9.12 -3.44
CA THR B 3 -10.37 -8.10 -4.44
C THR B 3 -9.03 -7.45 -4.79
N PRO B 4 -8.71 -7.22 -6.08
CA PRO B 4 -7.47 -6.50 -6.42
C PRO B 4 -7.37 -5.06 -5.89
N LEU B 6 -4.48 -1.62 -5.71
CA LEU B 6 -3.71 -0.97 -6.74
C LEU B 6 -2.46 -1.78 -7.07
N PRO B 7 -2.17 -2.06 -8.37
CA PRO B 7 -0.94 -2.73 -8.76
C PRO B 7 0.24 -1.75 -8.76
N THR B 8 1.47 -2.24 -9.00
CA THR B 8 2.54 -1.29 -9.23
C THR B 8 2.34 -0.57 -10.56
N PRO B 9 2.91 0.65 -10.73
CA PRO B 9 2.66 1.45 -11.93
C PRO B 9 3.15 0.80 -13.23
N PRO B 10 2.47 1.04 -14.37
CA PRO B 10 2.86 0.42 -15.64
C PRO B 10 4.17 0.94 -16.23
#